data_1P5N
#
_entry.id   1P5N
#
_entity_poly.entity_id   1
_entity_poly.type   'polyribonucleotide'
_entity_poly.pdbx_seq_one_letter_code
;GGCAGAAAGCGUCUAGCCAUGGCGUUAGUAUGCC
;
_entity_poly.pdbx_strand_id   A
#
loop_
_chem_comp.id
_chem_comp.type
_chem_comp.name
_chem_comp.formula
A RNA linking ADENOSINE-5'-MONOPHOSPHATE 'C10 H14 N5 O7 P'
C RNA linking CYTIDINE-5'-MONOPHOSPHATE 'C9 H14 N3 O8 P'
G RNA linking GUANOSINE-5'-MONOPHOSPHATE 'C10 H14 N5 O8 P'
U RNA linking URIDINE-5'-MONOPHOSPHATE 'C9 H13 N2 O9 P'
#